data_2WTH
#
_entry.id   2WTH
#
_cell.length_a   77.681
_cell.length_b   77.681
_cell.length_c   145.640
_cell.angle_alpha   90.00
_cell.angle_beta   90.00
_cell.angle_gamma   120.00
#
_symmetry.space_group_name_H-M   'P 31 2 1'
#
loop_
_entity.id
_entity.type
_entity.pdbx_description
1 polymer 'GLOBIN-LIKE PROTEIN'
2 non-polymer 'PROTOPORPHYRIN IX CONTAINING FE'
3 non-polymer 'OXYGEN MOLECULE'
4 non-polymer 'SULFATE ION'
5 non-polymer GLYCEROL
6 water water
#
_entity_poly.entity_id   1
_entity_poly.type   'polypeptide(L)'
_entity_poly.pdbx_seq_one_letter_code
;MSMNRQEISDLCVKSLEGRMVGTEAQNIENGNAFYRYFFTNFPDLRVYFKGAEKYTADDVKKSERFDKQGQRILLACHLL
ANVYTNEEVFKGYVRETINRHRIYKMDPALWMAFFTVFTGYLESVGSLNDQQKAAWMALGKEFNAESQTHLKNSNLPHV
;
_entity_poly.pdbx_strand_id   A,B
#
loop_
_chem_comp.id
_chem_comp.type
_chem_comp.name
_chem_comp.formula
GOL non-polymer GLYCEROL 'C3 H8 O3'
HEM non-polymer 'PROTOPORPHYRIN IX CONTAINING FE' 'C34 H32 Fe N4 O4'
OXY non-polymer 'OXYGEN MOLECULE' O2
SO4 non-polymer 'SULFATE ION' 'O4 S -2'
#
# COMPACT_ATOMS: atom_id res chain seq x y z
N SER A 2 5.97 -10.66 -25.99
CA SER A 2 5.92 -11.82 -25.06
C SER A 2 5.10 -11.53 -23.80
N MET A 3 5.38 -10.39 -23.18
CA MET A 3 5.01 -10.13 -21.78
C MET A 3 3.59 -9.64 -21.52
N ASN A 4 2.82 -10.47 -20.82
CA ASN A 4 1.48 -10.16 -20.35
C ASN A 4 1.53 -9.74 -18.89
N ARG A 5 0.41 -9.22 -18.37
CA ARG A 5 0.35 -8.73 -16.98
C ARG A 5 0.84 -9.77 -15.97
N GLN A 6 0.41 -11.01 -16.16
CA GLN A 6 0.69 -12.09 -15.22
C GLN A 6 2.17 -12.45 -15.15
N GLU A 7 2.82 -12.49 -16.32
CA GLU A 7 4.20 -12.99 -16.43
C GLU A 7 5.18 -12.00 -15.82
N ILE A 8 4.91 -10.72 -16.05
CA ILE A 8 5.68 -9.62 -15.47
C ILE A 8 5.80 -9.78 -13.95
N SER A 9 4.63 -9.85 -13.28
CA SER A 9 4.55 -10.11 -11.83
C SER A 9 5.52 -11.18 -11.35
N ASP A 10 5.22 -12.43 -11.67
CA ASP A 10 6.07 -13.57 -11.30
C ASP A 10 7.55 -13.17 -11.33
N LEU A 11 7.99 -12.72 -12.52
CA LEU A 11 9.36 -12.29 -12.75
C LEU A 11 9.85 -11.37 -11.65
N CYS A 12 9.03 -10.10 -11.56
CA CYS A 12 9.34 -9.08 -10.53
C CYS A 12 9.40 -9.66 -9.11
N VAL A 13 8.43 -10.38 -8.65
CA VAL A 13 8.35 -11.02 -7.33
C VAL A 13 9.58 -11.89 -7.01
N LYS A 14 9.99 -12.70 -7.98
CA LYS A 14 11.18 -13.54 -7.84
C LYS A 14 12.43 -12.71 -7.55
N SER A 15 12.62 -11.63 -8.31
CA SER A 15 13.76 -10.72 -8.11
C SER A 15 13.90 -10.30 -6.64
N LEU A 16 12.76 -10.18 -5.97
CA LEU A 16 12.67 -9.65 -4.61
C LEU A 16 12.63 -10.70 -3.51
N GLU A 17 12.55 -11.98 -3.88
CA GLU A 17 12.34 -13.04 -2.88
C GLU A 17 13.53 -13.21 -1.91
N GLY A 18 14.69 -12.69 -2.29
CA GLY A 18 15.86 -12.65 -1.42
C GLY A 18 15.98 -11.33 -0.67
N ARG A 19 15.13 -10.38 -1.04
CA ARG A 19 15.10 -9.05 -0.40
C ARG A 19 13.78 -8.83 0.37
N MET A 20 13.39 -9.83 1.16
CA MET A 20 12.11 -9.81 1.86
C MET A 20 12.08 -8.87 3.07
N VAL A 21 10.94 -8.19 3.23
CA VAL A 21 10.71 -7.25 4.34
C VAL A 21 10.52 -7.98 5.66
N GLY A 22 10.70 -7.27 6.77
CA GLY A 22 10.46 -7.84 8.09
C GLY A 22 10.84 -6.96 9.26
N THR A 23 11.11 -7.62 10.40
CA THR A 23 11.43 -6.94 11.65
C THR A 23 12.85 -7.21 12.13
N GLU A 24 13.49 -8.21 11.51
CA GLU A 24 14.80 -8.68 11.93
C GLU A 24 15.94 -7.91 11.25
N ALA A 25 17.16 -8.10 11.76
CA ALA A 25 18.35 -7.36 11.30
C ALA A 25 18.61 -7.44 9.80
N GLN A 26 18.51 -8.65 9.25
CA GLN A 26 18.66 -8.88 7.81
C GLN A 26 17.53 -8.25 7.00
N ASN A 27 16.31 -8.35 7.53
CA ASN A 27 15.13 -7.73 6.93
C ASN A 27 15.22 -6.21 6.91
N ILE A 28 15.81 -5.65 7.97
CA ILE A 28 16.04 -4.21 8.07
C ILE A 28 17.21 -3.77 7.20
N GLU A 29 18.11 -4.72 6.89
CA GLU A 29 19.29 -4.44 6.06
C GLU A 29 18.94 -4.16 4.60
N ASN A 30 18.13 -5.03 4.00
CA ASN A 30 17.65 -4.84 2.63
C ASN A 30 17.06 -3.45 2.45
N GLY A 31 16.25 -3.04 3.41
CA GLY A 31 15.67 -1.71 3.42
C GLY A 31 16.75 -0.64 3.44
N ASN A 32 17.59 -0.68 4.46
CA ASN A 32 18.65 0.29 4.61
C ASN A 32 19.58 0.34 3.40
N ALA A 33 19.92 -0.84 2.88
CA ALA A 33 20.86 -0.97 1.75
C ALA A 33 20.40 -0.27 0.46
N PHE A 34 19.09 -0.18 0.22
CA PHE A 34 18.59 0.53 -0.95
C PHE A 34 19.04 1.97 -0.98
N TYR A 35 18.90 2.65 0.16
CA TYR A 35 19.28 4.07 0.26
C TYR A 35 20.79 4.27 0.27
N ARG A 36 21.52 3.30 0.82
CA ARG A 36 22.98 3.31 0.75
C ARG A 36 23.42 3.34 -0.72
N TYR A 37 22.89 2.42 -1.53
CA TYR A 37 23.14 2.39 -2.97
C TYR A 37 22.60 3.62 -3.71
N PHE A 38 21.37 4.00 -3.39
CA PHE A 38 20.70 5.15 -4.02
C PHE A 38 21.47 6.43 -3.75
N PHE A 39 21.89 6.62 -2.50
CA PHE A 39 22.64 7.81 -2.10
C PHE A 39 24.07 7.83 -2.65
N THR A 40 24.70 6.66 -2.77
CA THR A 40 26.06 6.57 -3.29
C THR A 40 26.12 6.96 -4.75
N ASN A 41 25.36 6.24 -5.58
CA ASN A 41 25.44 6.37 -7.03
C ASN A 41 24.55 7.43 -7.67
N PHE A 42 23.52 7.87 -6.96
CA PHE A 42 22.63 8.93 -7.45
C PHE A 42 22.50 10.10 -6.46
N PRO A 43 23.64 10.62 -5.95
CA PRO A 43 23.63 11.61 -4.85
C PRO A 43 22.95 12.94 -5.16
N ASP A 44 22.77 13.26 -6.43
CA ASP A 44 22.10 14.51 -6.82
C ASP A 44 20.59 14.49 -6.61
N LEU A 45 20.03 13.31 -6.34
CA LEU A 45 18.60 13.18 -6.03
C LEU A 45 18.34 13.26 -4.53
N ARG A 46 19.42 13.34 -3.76
CA ARG A 46 19.36 13.52 -2.30
C ARG A 46 18.65 14.81 -1.90
N VAL A 47 18.50 15.74 -2.85
CA VAL A 47 17.84 17.01 -2.59
C VAL A 47 16.44 16.84 -1.99
N TYR A 48 15.63 16.00 -2.60
CA TYR A 48 14.26 15.76 -2.14
C TYR A 48 14.22 15.29 -0.68
N PHE A 49 15.30 14.67 -0.23
CA PHE A 49 15.41 14.17 1.14
C PHE A 49 15.88 15.29 2.05
N LYS A 50 14.94 16.13 2.44
CA LYS A 50 15.22 17.37 3.15
C LYS A 50 16.03 17.09 4.42
N GLY A 51 17.26 17.60 4.46
CA GLY A 51 18.15 17.39 5.60
C GLY A 51 19.13 16.24 5.43
N ALA A 52 18.77 15.23 4.64
CA ALA A 52 19.70 14.16 4.29
C ALA A 52 20.43 14.50 2.99
N GLU A 53 20.15 15.69 2.48
CA GLU A 53 20.68 16.23 1.21
C GLU A 53 22.19 16.11 0.98
N LYS A 54 22.94 15.65 1.98
CA LYS A 54 24.39 15.48 1.88
C LYS A 54 24.88 14.22 2.60
N TYR A 55 23.98 13.29 2.87
CA TYR A 55 24.30 12.06 3.61
C TYR A 55 25.25 11.10 2.88
N THR A 56 26.33 10.74 3.54
CA THR A 56 27.23 9.69 3.05
C THR A 56 26.68 8.32 3.42
N ALA A 57 27.20 7.29 2.74
CA ALA A 57 26.76 5.90 2.90
C ALA A 57 26.69 5.43 4.35
N ASP A 58 27.57 5.95 5.19
CA ASP A 58 27.59 5.64 6.63
C ASP A 58 26.47 6.33 7.38
N ASP A 59 26.21 7.60 7.05
CA ASP A 59 25.17 8.39 7.70
C ASP A 59 23.81 7.71 7.56
N VAL A 60 23.57 7.12 6.40
CA VAL A 60 22.36 6.36 6.12
C VAL A 60 22.40 5.02 6.85
N LYS A 61 23.55 4.35 6.82
CA LYS A 61 23.75 3.04 7.44
C LYS A 61 23.38 2.99 8.93
N LYS A 62 23.76 4.03 9.67
CA LYS A 62 23.48 4.13 11.11
C LYS A 62 22.40 5.16 11.42
N SER A 63 21.42 5.28 10.52
CA SER A 63 20.28 6.18 10.70
C SER A 63 19.00 5.37 10.98
N GLU A 64 18.05 6.00 11.66
CA GLU A 64 16.76 5.37 11.94
C GLU A 64 15.67 5.92 11.03
N ARG A 65 15.85 7.14 10.53
CA ARG A 65 14.99 7.72 9.50
C ARG A 65 14.97 6.83 8.27
N PHE A 66 16.15 6.37 7.85
CA PHE A 66 16.30 5.53 6.66
C PHE A 66 16.15 4.03 6.92
N ASP A 67 16.16 3.63 8.18
CA ASP A 67 15.74 2.28 8.52
C ASP A 67 14.22 2.19 8.46
N LYS A 68 13.56 3.31 8.66
CA LYS A 68 12.11 3.41 8.52
C LYS A 68 11.76 3.58 7.05
N GLN A 69 12.52 4.43 6.36
CA GLN A 69 12.24 4.81 4.98
C GLN A 69 12.67 3.73 3.97
N GLY A 70 13.73 3.02 4.31
CA GLY A 70 14.18 1.87 3.53
C GLY A 70 13.22 0.70 3.66
N GLN A 71 12.56 0.59 4.80
CA GLN A 71 11.58 -0.47 5.04
C GLN A 71 10.27 -0.17 4.33
N ARG A 72 10.01 1.11 4.10
CA ARG A 72 8.77 1.56 3.48
C ARG A 72 8.84 1.42 1.97
N ILE A 73 9.99 1.77 1.40
CA ILE A 73 10.22 1.71 -0.05
C ILE A 73 10.29 0.25 -0.54
N LEU A 74 11.00 -0.58 0.21
CA LEU A 74 11.09 -2.00 -0.08
C LEU A 74 9.72 -2.66 0.01
N LEU A 75 8.90 -2.26 0.99
CA LEU A 75 7.55 -2.79 1.10
C LEU A 75 6.63 -2.25 -0.01
N ALA A 76 7.00 -1.11 -0.59
CA ALA A 76 6.23 -0.55 -1.69
C ALA A 76 6.52 -1.33 -2.98
N CYS A 77 7.76 -1.66 -3.12
CA CYS A 77 8.21 -2.32 -4.33
C CYS A 77 7.67 -3.75 -4.40
N HIS A 78 7.59 -4.52 -3.24
CA HIS A 78 6.91 -5.82 -3.17
C HIS A 78 5.44 -5.67 -3.51
N LEU A 79 4.83 -4.59 -3.02
CA LEU A 79 3.42 -4.32 -3.31
C LEU A 79 3.15 -4.19 -4.82
N LEU A 80 4.00 -3.47 -5.54
CA LEU A 80 3.84 -3.29 -6.99
C LEU A 80 3.98 -4.62 -7.77
N ALA A 81 4.93 -5.45 -7.32
CA ALA A 81 5.18 -6.74 -7.91
C ALA A 81 4.02 -7.72 -7.69
N ASN A 82 3.39 -7.61 -6.52
CA ASN A 82 2.37 -8.59 -6.09
C ASN A 82 0.93 -8.22 -6.43
N VAL A 83 0.70 -7.06 -7.04
CA VAL A 83 -0.67 -6.63 -7.38
C VAL A 83 -0.80 -6.23 -8.85
N TYR A 84 0.34 -6.11 -9.53
CA TYR A 84 0.41 -5.79 -10.96
C TYR A 84 -0.60 -6.58 -11.81
N THR A 85 -0.80 -7.85 -11.46
CA THR A 85 -1.78 -8.74 -12.11
C THR A 85 -3.19 -8.16 -12.10
N ASN A 86 -3.51 -7.40 -11.05
CA ASN A 86 -4.80 -6.72 -10.90
C ASN A 86 -4.65 -5.27 -11.30
N GLU A 87 -4.91 -4.98 -12.57
CA GLU A 87 -4.56 -3.69 -13.17
C GLU A 87 -5.15 -2.47 -12.45
N GLU A 88 -6.47 -2.43 -12.31
CA GLU A 88 -7.14 -1.23 -11.77
C GLU A 88 -6.63 -0.85 -10.38
N VAL A 89 -6.37 -1.87 -9.57
CA VAL A 89 -5.80 -1.73 -8.24
C VAL A 89 -4.34 -1.28 -8.32
N PHE A 90 -3.58 -1.86 -9.24
CA PHE A 90 -2.20 -1.44 -9.49
C PHE A 90 -2.14 0.07 -9.81
N LYS A 91 -3.00 0.50 -10.73
CA LYS A 91 -3.12 1.91 -11.12
C LYS A 91 -3.53 2.77 -9.93
N GLY A 92 -4.42 2.22 -9.10
CA GLY A 92 -4.86 2.84 -7.86
C GLY A 92 -3.71 3.14 -6.92
N TYR A 93 -2.92 2.12 -6.62
CA TYR A 93 -1.79 2.26 -5.71
C TYR A 93 -0.79 3.30 -6.19
N VAL A 94 -0.50 3.28 -7.49
CA VAL A 94 0.43 4.22 -8.09
C VAL A 94 -0.08 5.66 -7.85
N ARG A 95 -1.37 5.90 -8.11
CA ARG A 95 -1.98 7.20 -7.84
C ARG A 95 -1.77 7.68 -6.39
N GLU A 96 -1.81 6.75 -5.44
CA GLU A 96 -1.57 7.06 -4.04
C GLU A 96 -0.09 7.41 -3.82
N THR A 97 0.79 6.61 -4.42
CA THR A 97 2.23 6.88 -4.40
C THR A 97 2.50 8.31 -4.88
N ILE A 98 1.94 8.66 -6.04
CA ILE A 98 2.07 9.98 -6.64
C ILE A 98 1.61 11.08 -5.69
N ASN A 99 0.44 10.90 -5.08
CA ASN A 99 -0.12 11.89 -4.16
C ASN A 99 0.79 12.16 -2.97
N ARG A 100 1.21 11.10 -2.29
CA ARG A 100 2.08 11.19 -1.13
C ARG A 100 3.49 11.65 -1.50
N HIS A 101 3.69 11.95 -2.79
CA HIS A 101 4.97 12.45 -3.31
C HIS A 101 4.90 13.91 -3.79
N ARG A 102 3.68 14.40 -4.05
CA ARG A 102 3.44 15.76 -4.54
C ARG A 102 4.02 16.85 -3.65
N ILE A 103 4.10 16.56 -2.35
CA ILE A 103 4.67 17.45 -1.35
C ILE A 103 6.14 17.81 -1.61
N TYR A 104 6.91 16.83 -2.10
CA TYR A 104 8.30 17.09 -2.49
C TYR A 104 8.39 17.73 -3.88
N LYS A 105 7.28 17.68 -4.61
CA LYS A 105 7.18 18.11 -6.01
C LYS A 105 8.41 17.68 -6.81
N MET A 106 8.47 16.37 -7.07
CA MET A 106 9.61 15.78 -7.77
C MET A 106 9.70 16.14 -9.24
N ASP A 107 10.85 15.86 -9.83
CA ASP A 107 11.03 16.01 -11.27
C ASP A 107 10.30 14.86 -11.96
N PRO A 108 9.30 15.19 -12.81
CA PRO A 108 8.36 14.24 -13.41
C PRO A 108 8.98 13.31 -14.47
N ALA A 109 10.21 12.89 -14.25
CA ALA A 109 10.91 11.97 -15.13
C ALA A 109 11.53 10.87 -14.27
N LEU A 110 11.53 11.12 -12.96
CA LEU A 110 12.12 10.21 -11.98
C LEU A 110 11.27 8.96 -11.78
N TRP A 111 9.98 9.10 -12.07
CA TRP A 111 9.05 7.96 -12.05
C TRP A 111 9.53 6.84 -12.96
N MET A 112 10.26 7.18 -14.01
CA MET A 112 10.97 6.20 -14.82
C MET A 112 12.30 5.80 -14.17
N ALA A 113 13.04 6.82 -13.72
CA ALA A 113 14.41 6.66 -13.22
C ALA A 113 14.55 5.69 -12.05
N PHE A 114 13.51 5.58 -11.24
CA PHE A 114 13.55 4.76 -10.02
C PHE A 114 13.99 3.34 -10.31
N PHE A 115 13.48 2.79 -11.41
CA PHE A 115 13.70 1.39 -11.74
C PHE A 115 15.14 1.12 -12.20
N THR A 116 15.79 2.14 -12.79
CA THR A 116 17.24 2.11 -13.00
C THR A 116 17.95 1.96 -11.66
N VAL A 117 17.58 2.81 -10.70
CA VAL A 117 18.15 2.77 -9.36
C VAL A 117 17.86 1.41 -8.70
N PHE A 118 16.59 1.04 -8.69
CA PHE A 118 16.14 -0.18 -8.01
C PHE A 118 16.66 -1.48 -8.64
N THR A 119 16.57 -1.61 -9.97
CA THR A 119 17.20 -2.75 -10.65
C THR A 119 18.70 -2.72 -10.39
N GLY A 120 19.29 -1.52 -10.48
CA GLY A 120 20.69 -1.31 -10.15
C GLY A 120 21.04 -1.66 -8.70
N TYR A 121 20.03 -1.62 -7.84
CA TYR A 121 20.21 -1.98 -6.44
C TYR A 121 20.12 -3.50 -6.24
N LEU A 122 19.13 -4.13 -6.87
CA LEU A 122 18.97 -5.58 -6.84
C LEU A 122 20.14 -6.27 -7.55
N GLU A 123 20.65 -5.60 -8.57
CA GLU A 123 21.83 -6.04 -9.32
C GLU A 123 23.11 -5.83 -8.51
N SER A 124 23.00 -5.10 -7.40
CA SER A 124 24.13 -4.80 -6.54
C SER A 124 24.21 -5.72 -5.32
N VAL A 125 23.05 -6.19 -4.86
CA VAL A 125 22.97 -7.02 -3.64
C VAL A 125 23.11 -8.51 -3.92
N GLY A 126 22.14 -9.08 -4.63
CA GLY A 126 22.14 -10.50 -4.98
C GLY A 126 22.28 -10.73 -6.48
N SER A 127 21.22 -11.25 -7.10
CA SER A 127 21.23 -11.56 -8.52
C SER A 127 20.07 -10.94 -9.28
N LEU A 128 20.23 -10.80 -10.60
CA LEU A 128 19.16 -10.37 -11.49
C LEU A 128 19.36 -10.98 -12.89
N ASN A 129 18.50 -10.58 -13.83
CA ASN A 129 18.64 -10.99 -15.23
C ASN A 129 17.86 -10.07 -16.18
N ASP A 130 18.08 -10.24 -17.48
CA ASP A 130 17.45 -9.40 -18.49
C ASP A 130 15.94 -9.56 -18.56
N GLN A 131 15.45 -10.74 -18.19
CA GLN A 131 14.02 -11.02 -18.18
C GLN A 131 13.36 -10.29 -17.01
N GLN A 132 13.93 -10.45 -15.81
CA GLN A 132 13.50 -9.75 -14.60
C GLN A 132 13.57 -8.24 -14.74
N LYS A 133 14.72 -7.74 -15.23
CA LYS A 133 14.95 -6.29 -15.37
C LYS A 133 14.03 -5.68 -16.43
N ALA A 134 13.66 -6.49 -17.42
CA ALA A 134 12.72 -6.05 -18.46
C ALA A 134 11.30 -5.96 -17.91
N ALA A 135 10.96 -6.86 -16.97
CA ALA A 135 9.65 -6.87 -16.32
C ALA A 135 9.48 -5.66 -15.42
N TRP A 136 10.53 -5.33 -14.67
CA TRP A 136 10.56 -4.13 -13.86
C TRP A 136 10.36 -2.90 -14.74
N MET A 137 10.98 -2.90 -15.91
CA MET A 137 10.84 -1.79 -16.86
C MET A 137 9.45 -1.80 -17.50
N ALA A 138 8.87 -2.99 -17.63
CA ALA A 138 7.51 -3.13 -18.11
C ALA A 138 6.56 -2.54 -17.08
N LEU A 139 6.83 -2.87 -15.81
CA LEU A 139 6.09 -2.31 -14.68
C LEU A 139 6.31 -0.81 -14.60
N GLY A 140 7.55 -0.40 -14.89
CA GLY A 140 7.93 1.00 -14.94
C GLY A 140 7.18 1.83 -15.97
N LYS A 141 7.14 1.33 -17.21
CA LYS A 141 6.36 1.97 -18.27
C LYS A 141 4.90 2.06 -17.86
N GLU A 142 4.41 1.01 -17.20
CA GLU A 142 3.05 0.94 -16.69
C GLU A 142 2.84 1.89 -15.53
N PHE A 143 3.85 1.96 -14.66
CA PHE A 143 3.90 2.91 -13.54
C PHE A 143 3.84 4.32 -14.10
N ASN A 144 4.89 4.69 -14.84
CA ASN A 144 5.00 6.01 -15.48
C ASN A 144 3.85 6.35 -16.44
N ALA A 145 3.41 5.35 -17.21
CA ALA A 145 2.21 5.50 -18.04
C ALA A 145 1.06 6.11 -17.24
N GLU A 146 0.73 5.48 -16.12
CA GLU A 146 -0.34 5.97 -15.24
C GLU A 146 0.07 7.22 -14.46
N SER A 147 1.32 7.24 -13.99
CA SER A 147 1.87 8.35 -13.20
C SER A 147 1.71 9.70 -13.90
N GLN A 148 1.92 9.72 -15.21
CA GLN A 148 1.75 10.92 -16.03
C GLN A 148 0.27 11.25 -16.23
N THR A 149 -0.52 10.25 -16.60
CA THR A 149 -1.97 10.40 -16.77
C THR A 149 -2.59 11.06 -15.54
N HIS A 150 -2.17 10.60 -14.36
CA HIS A 150 -2.63 11.15 -13.09
C HIS A 150 -2.06 12.53 -12.77
N LEU A 151 -0.82 12.79 -13.19
CA LEU A 151 -0.19 14.10 -12.96
C LEU A 151 -0.87 15.18 -13.80
N LYS A 152 -1.14 14.86 -15.07
CA LYS A 152 -1.89 15.74 -15.96
C LYS A 152 -3.36 15.85 -15.55
N ASN A 153 -3.89 14.80 -14.91
CA ASN A 153 -5.26 14.81 -14.41
C ASN A 153 -5.43 15.67 -13.15
N SER A 154 -4.37 15.77 -12.35
CA SER A 154 -4.39 16.52 -11.10
C SER A 154 -3.95 17.97 -11.26
N ASN A 155 -3.78 18.40 -12.51
CA ASN A 155 -3.25 19.73 -12.82
C ASN A 155 -1.90 19.94 -12.12
N LEU A 156 -0.90 19.18 -12.58
CA LEU A 156 0.43 19.14 -11.97
C LEU A 156 1.50 18.92 -13.05
N PRO A 157 2.77 19.33 -12.78
CA PRO A 157 3.85 19.13 -13.74
C PRO A 157 4.02 17.68 -14.19
N HIS A 158 3.91 17.45 -15.50
CA HIS A 158 4.00 16.13 -16.11
C HIS A 158 4.73 16.21 -17.44
N VAL A 159 5.22 15.07 -17.93
CA VAL A 159 5.79 15.00 -19.28
C VAL A 159 4.91 14.16 -20.21
N SER B 2 -10.02 -27.09 5.70
CA SER B 2 -10.77 -25.82 5.94
C SER B 2 -10.60 -24.85 4.77
N MET B 3 -9.87 -23.76 5.01
CA MET B 3 -9.65 -22.72 4.00
C MET B 3 -8.18 -22.29 4.03
N ASN B 4 -7.65 -21.93 2.86
CA ASN B 4 -6.22 -21.62 2.73
C ASN B 4 -5.94 -20.24 2.10
N ARG B 5 -4.68 -19.81 2.20
CA ARG B 5 -4.25 -18.47 1.73
C ARG B 5 -4.72 -18.12 0.31
N GLN B 6 -4.63 -19.09 -0.60
CA GLN B 6 -5.05 -18.93 -1.99
C GLN B 6 -6.58 -18.87 -2.08
N GLU B 7 -7.24 -19.72 -1.29
CA GLU B 7 -8.70 -19.77 -1.27
C GLU B 7 -9.27 -18.44 -0.78
N ILE B 8 -8.71 -17.95 0.34
CA ILE B 8 -9.10 -16.66 0.93
C ILE B 8 -8.93 -15.55 -0.09
N SER B 9 -7.71 -15.41 -0.60
CA SER B 9 -7.40 -14.40 -1.61
C SER B 9 -8.51 -14.27 -2.65
N ASP B 10 -8.82 -15.38 -3.31
CA ASP B 10 -9.79 -15.45 -4.40
C ASP B 10 -11.20 -14.98 -4.01
N LEU B 11 -11.71 -15.50 -2.89
CA LEU B 11 -13.02 -15.11 -2.36
C LEU B 11 -13.05 -13.64 -1.98
N CYS B 12 -11.99 -13.18 -1.23
CA CYS B 12 -11.87 -11.77 -0.83
C CYS B 12 -11.75 -10.82 -2.03
N VAL B 13 -11.15 -11.25 -3.12
CA VAL B 13 -11.00 -10.40 -4.31
C VAL B 13 -12.30 -10.29 -5.13
N LYS B 14 -12.96 -11.43 -5.32
CA LYS B 14 -14.19 -11.52 -6.12
C LYS B 14 -15.26 -10.58 -5.58
N SER B 15 -15.48 -10.65 -4.27
CA SER B 15 -16.41 -9.78 -3.55
C SER B 15 -16.14 -8.28 -3.71
N LEU B 16 -14.96 -7.94 -4.25
CA LEU B 16 -14.56 -6.55 -4.41
C LEU B 16 -14.65 -6.00 -5.84
N GLU B 17 -14.99 -6.86 -6.81
CA GLU B 17 -15.12 -6.44 -8.22
C GLU B 17 -16.30 -5.49 -8.45
N GLY B 18 -17.33 -5.64 -7.61
CA GLY B 18 -18.45 -4.70 -7.59
C GLY B 18 -18.17 -3.43 -6.80
N ARG B 19 -16.98 -3.36 -6.18
CA ARG B 19 -16.51 -2.15 -5.50
C ARG B 19 -15.06 -1.86 -5.93
N MET B 20 -14.88 -1.54 -7.21
CA MET B 20 -13.55 -1.32 -7.76
C MET B 20 -13.09 0.12 -7.57
N VAL B 21 -11.78 0.30 -7.45
CA VAL B 21 -11.17 1.63 -7.38
C VAL B 21 -11.04 2.26 -8.76
N GLY B 22 -11.01 3.59 -8.79
CA GLY B 22 -10.85 4.33 -10.04
C GLY B 22 -11.11 5.82 -9.92
N THR B 23 -11.17 6.48 -11.08
CA THR B 23 -11.33 7.94 -11.15
C THR B 23 -12.74 8.40 -11.55
N GLU B 24 -13.51 7.50 -12.16
CA GLU B 24 -14.90 7.79 -12.57
C GLU B 24 -15.81 8.10 -11.38
N ALA B 25 -17.03 8.54 -11.68
CA ALA B 25 -18.01 8.91 -10.65
C ALA B 25 -18.44 7.71 -9.80
N GLN B 26 -18.62 6.57 -10.47
CA GLN B 26 -19.03 5.33 -9.81
C GLN B 26 -18.00 4.84 -8.80
N ASN B 27 -16.73 4.77 -9.23
CA ASN B 27 -15.64 4.29 -8.38
C ASN B 27 -15.46 5.11 -7.12
N ILE B 28 -15.55 6.43 -7.27
CA ILE B 28 -15.32 7.38 -6.17
C ILE B 28 -16.37 7.26 -5.06
N GLU B 29 -17.58 6.87 -5.44
CA GLU B 29 -18.66 6.68 -4.48
C GLU B 29 -18.53 5.36 -3.70
N ASN B 30 -17.88 4.37 -4.31
CA ASN B 30 -17.61 3.08 -3.67
C ASN B 30 -16.85 3.23 -2.35
N GLY B 31 -15.96 4.22 -2.29
CA GLY B 31 -15.28 4.59 -1.07
C GLY B 31 -16.17 5.46 -0.20
N ASN B 32 -16.86 6.41 -0.83
CA ASN B 32 -17.75 7.32 -0.14
C ASN B 32 -18.90 6.62 0.60
N ALA B 33 -19.55 5.69 -0.10
CA ALA B 33 -20.68 4.93 0.46
C ALA B 33 -20.25 4.10 1.66
N PHE B 34 -18.98 3.69 1.70
CA PHE B 34 -18.46 2.96 2.85
C PHE B 34 -18.55 3.81 4.12
N TYR B 35 -18.19 5.08 4.00
CA TYR B 35 -18.28 6.01 5.14
C TYR B 35 -19.72 6.37 5.50
N ARG B 36 -20.56 6.54 4.48
CA ARG B 36 -22.01 6.74 4.67
C ARG B 36 -22.60 5.57 5.43
N TYR B 37 -22.10 4.36 5.16
CA TYR B 37 -22.46 3.17 5.92
C TYR B 37 -21.84 3.20 7.32
N PHE B 38 -20.51 3.30 7.36
CA PHE B 38 -19.73 3.40 8.59
C PHE B 38 -20.45 4.26 9.63
N PHE B 39 -20.70 5.51 9.25
CA PHE B 39 -21.22 6.53 10.16
C PHE B 39 -22.66 6.30 10.56
N THR B 40 -23.44 5.66 9.68
CA THR B 40 -24.86 5.40 9.92
C THR B 40 -25.08 4.20 10.84
N ASN B 41 -24.11 3.30 10.91
CA ASN B 41 -24.29 2.05 11.67
C ASN B 41 -23.33 1.87 12.85
N PHE B 42 -22.25 2.63 12.86
CA PHE B 42 -21.28 2.60 13.96
C PHE B 42 -20.93 4.00 14.47
N PRO B 43 -21.95 4.84 14.78
CA PRO B 43 -21.77 6.26 15.14
C PRO B 43 -20.73 6.56 16.22
N ASP B 44 -20.62 5.69 17.22
CA ASP B 44 -19.66 5.86 18.32
C ASP B 44 -18.19 5.85 17.87
N LEU B 45 -17.96 5.53 16.59
CA LEU B 45 -16.62 5.51 16.01
C LEU B 45 -16.30 6.78 15.23
N ARG B 46 -17.30 7.64 15.11
CA ARG B 46 -17.14 8.96 14.48
C ARG B 46 -16.17 9.88 15.22
N VAL B 47 -15.93 9.56 16.49
CA VAL B 47 -15.02 10.32 17.37
C VAL B 47 -13.60 10.45 16.80
N TYR B 48 -13.17 9.44 16.03
CA TYR B 48 -11.84 9.42 15.44
C TYR B 48 -11.66 10.42 14.30
N PHE B 49 -12.74 10.66 13.56
CA PHE B 49 -12.70 11.55 12.40
C PHE B 49 -12.94 13.02 12.78
N LYS B 50 -11.83 13.72 13.00
CA LYS B 50 -11.84 15.11 13.50
C LYS B 50 -12.61 16.07 12.61
N GLY B 51 -13.53 16.82 13.23
CA GLY B 51 -14.43 17.71 12.49
C GLY B 51 -15.66 16.99 11.98
N ALA B 52 -15.52 15.68 11.76
CA ALA B 52 -16.60 14.87 11.19
C ALA B 52 -17.34 14.01 12.21
N GLU B 53 -17.16 14.32 13.50
CA GLU B 53 -17.79 13.58 14.60
C GLU B 53 -19.32 13.55 14.56
N LYS B 54 -19.93 14.48 13.83
CA LYS B 54 -21.39 14.61 13.77
C LYS B 54 -21.92 14.53 12.34
N TYR B 55 -21.04 14.17 11.40
CA TYR B 55 -21.37 14.07 9.98
C TYR B 55 -22.45 13.02 9.66
N THR B 56 -23.25 13.31 8.64
CA THR B 56 -24.32 12.41 8.17
C THR B 56 -23.95 11.80 6.80
N ALA B 57 -24.86 11.00 6.26
CA ALA B 57 -24.73 10.45 4.90
C ALA B 57 -24.62 11.57 3.86
N ASP B 58 -25.48 12.59 3.98
CA ASP B 58 -25.44 13.76 3.11
C ASP B 58 -24.18 14.59 3.31
N ASP B 59 -23.76 14.74 4.56
CA ASP B 59 -22.52 15.45 4.89
C ASP B 59 -21.34 14.76 4.21
N VAL B 60 -21.23 13.45 4.39
CA VAL B 60 -20.18 12.62 3.77
C VAL B 60 -20.28 12.64 2.24
N LYS B 61 -21.49 12.47 1.70
CA LYS B 61 -21.71 12.46 0.26
C LYS B 61 -21.19 13.74 -0.41
N LYS B 62 -21.63 14.88 0.10
CA LYS B 62 -21.24 16.19 -0.45
C LYS B 62 -19.77 16.55 -0.12
N SER B 63 -19.15 15.76 0.74
CA SER B 63 -17.75 15.98 1.12
C SER B 63 -16.77 15.45 0.07
N GLU B 64 -15.81 16.29 -0.30
CA GLU B 64 -14.71 15.88 -1.16
C GLU B 64 -13.55 15.30 -0.33
N ARG B 65 -13.65 15.42 0.99
CA ARG B 65 -12.65 14.86 1.91
C ARG B 65 -12.74 13.33 1.98
N PHE B 66 -13.95 12.81 2.10
CA PHE B 66 -14.18 11.36 2.14
C PHE B 66 -14.14 10.72 0.75
N ASP B 67 -14.19 11.55 -0.29
CA ASP B 67 -13.89 11.08 -1.64
C ASP B 67 -12.43 10.66 -1.70
N LYS B 68 -11.54 11.53 -1.22
CA LYS B 68 -10.12 11.20 -1.05
C LYS B 68 -9.98 10.02 -0.08
N GLN B 69 -10.52 10.20 1.11
CA GLN B 69 -10.37 9.27 2.23
C GLN B 69 -10.98 7.89 1.97
N GLY B 70 -12.07 7.86 1.21
CA GLY B 70 -12.74 6.61 0.85
C GLY B 70 -11.88 5.74 -0.05
N GLN B 71 -11.44 6.31 -1.17
CA GLN B 71 -10.59 5.59 -2.11
C GLN B 71 -9.40 4.98 -1.41
N ARG B 72 -8.93 5.63 -0.35
CA ARG B 72 -7.76 5.18 0.39
C ARG B 72 -8.02 3.90 1.20
N ILE B 73 -9.10 3.90 1.98
CA ILE B 73 -9.50 2.71 2.76
C ILE B 73 -9.85 1.53 1.84
N LEU B 74 -10.60 1.83 0.78
CA LEU B 74 -11.00 0.83 -0.20
C LEU B 74 -9.79 0.22 -0.90
N LEU B 75 -8.89 1.07 -1.41
CA LEU B 75 -7.62 0.63 -1.98
C LEU B 75 -6.88 -0.25 -0.99
N ALA B 76 -6.72 0.25 0.23
CA ALA B 76 -6.04 -0.50 1.30
C ALA B 76 -6.58 -1.92 1.45
N CYS B 77 -7.95 -2.02 1.47
CA CYS B 77 -8.60 -3.34 1.58
C CYS B 77 -8.39 -4.19 0.30
N HIS B 78 -8.32 -3.51 -0.86
CA HIS B 78 -8.02 -4.22 -2.11
C HIS B 78 -6.64 -4.86 -2.05
N LEU B 79 -5.63 -4.06 -1.68
CA LEU B 79 -4.27 -4.57 -1.52
C LEU B 79 -4.17 -5.70 -0.49
N LEU B 80 -4.98 -5.61 0.56
CA LEU B 80 -5.03 -6.66 1.58
C LEU B 80 -5.48 -7.99 0.99
N ALA B 81 -6.55 -7.97 0.19
CA ALA B 81 -7.10 -9.18 -0.41
C ALA B 81 -6.15 -9.76 -1.46
N ASN B 82 -5.53 -8.86 -2.23
CA ASN B 82 -4.68 -9.24 -3.36
C ASN B 82 -3.30 -9.79 -3.01
N VAL B 83 -2.73 -9.36 -1.89
CA VAL B 83 -1.39 -9.82 -1.52
C VAL B 83 -1.42 -10.90 -0.45
N TYR B 84 -2.61 -11.27 0.00
CA TYR B 84 -2.76 -12.23 1.10
C TYR B 84 -1.95 -13.52 0.89
N THR B 85 -1.84 -13.97 -0.36
CA THR B 85 -1.05 -15.15 -0.71
C THR B 85 0.40 -15.04 -0.27
N ASN B 86 0.98 -13.84 -0.40
CA ASN B 86 2.31 -13.55 0.09
C ASN B 86 2.18 -13.06 1.53
N GLU B 87 2.58 -13.91 2.49
CA GLU B 87 2.36 -13.64 3.91
C GLU B 87 3.26 -12.54 4.46
N GLU B 88 4.52 -12.53 4.04
CA GLU B 88 5.50 -11.54 4.51
C GLU B 88 5.19 -10.12 4.03
N VAL B 89 4.72 -10.02 2.79
CA VAL B 89 4.32 -8.75 2.21
C VAL B 89 3.04 -8.26 2.88
N PHE B 90 2.19 -9.22 3.25
CA PHE B 90 0.95 -8.96 3.99
C PHE B 90 1.24 -8.46 5.39
N LYS B 91 2.12 -9.16 6.10
CA LYS B 91 2.53 -8.79 7.44
C LYS B 91 3.18 -7.41 7.44
N GLY B 92 3.99 -7.16 6.41
CA GLY B 92 4.65 -5.87 6.22
C GLY B 92 3.65 -4.74 6.11
N TYR B 93 2.67 -4.93 5.23
CA TYR B 93 1.63 -3.93 5.01
C TYR B 93 0.73 -3.73 6.24
N VAL B 94 0.64 -4.75 7.09
CA VAL B 94 -0.12 -4.63 8.34
C VAL B 94 0.64 -3.74 9.33
N ARG B 95 1.93 -4.04 9.54
CA ARG B 95 2.79 -3.25 10.41
C ARG B 95 2.81 -1.78 9.96
N GLU B 96 2.83 -1.56 8.66
CA GLU B 96 2.79 -0.21 8.09
C GLU B 96 1.47 0.48 8.37
N THR B 97 0.37 -0.29 8.29
CA THR B 97 -0.96 0.23 8.53
C THR B 97 -1.11 0.66 9.99
N ILE B 98 -0.55 -0.15 10.89
CA ILE B 98 -0.50 0.14 12.31
C ILE B 98 0.34 1.39 12.57
N ASN B 99 1.51 1.47 11.94
CA ASN B 99 2.34 2.67 12.00
C ASN B 99 1.55 3.93 11.66
N ARG B 100 0.93 3.94 10.48
CA ARG B 100 0.19 5.11 10.00
C ARG B 100 -1.07 5.41 10.82
N HIS B 101 -1.39 4.57 11.79
CA HIS B 101 -2.52 4.78 12.71
C HIS B 101 -2.11 5.10 14.18
N ARG B 102 -0.82 5.35 14.40
CA ARG B 102 -0.31 5.66 15.75
C ARG B 102 -0.91 6.96 16.34
N ILE B 103 -1.02 7.98 15.49
CA ILE B 103 -1.46 9.31 15.91
C ILE B 103 -2.87 9.35 16.51
N TYR B 104 -3.75 8.46 16.04
CA TYR B 104 -5.15 8.42 16.45
C TYR B 104 -5.36 7.70 17.77
N LYS B 105 -4.29 7.11 18.29
CA LYS B 105 -4.34 6.21 19.45
C LYS B 105 -5.70 5.52 19.64
N MET B 106 -5.92 4.51 18.80
CA MET B 106 -7.19 3.79 18.76
C MET B 106 -7.28 2.70 19.81
N ASP B 107 -8.50 2.28 20.13
CA ASP B 107 -8.75 1.09 20.94
C ASP B 107 -8.21 -0.11 20.17
N PRO B 108 -7.15 -0.76 20.69
CA PRO B 108 -6.46 -1.85 19.97
C PRO B 108 -7.35 -3.02 19.56
N ALA B 109 -8.55 -3.10 20.14
CA ALA B 109 -9.53 -4.13 19.80
C ALA B 109 -10.23 -3.86 18.45
N LEU B 110 -10.12 -2.63 17.95
CA LEU B 110 -10.81 -2.23 16.72
C LEU B 110 -10.16 -2.76 15.45
N TRP B 111 -8.98 -3.36 15.59
CA TRP B 111 -8.29 -3.95 14.43
C TRP B 111 -9.00 -5.21 13.94
N MET B 112 -9.57 -5.96 14.88
CA MET B 112 -10.44 -7.08 14.56
C MET B 112 -11.82 -6.56 14.14
N ALA B 113 -12.30 -5.54 14.84
CA ALA B 113 -13.66 -4.99 14.65
C ALA B 113 -13.89 -4.38 13.26
N PHE B 114 -12.83 -3.84 12.65
CA PHE B 114 -12.95 -3.19 11.35
C PHE B 114 -13.55 -4.09 10.27
N PHE B 115 -13.19 -5.37 10.30
CA PHE B 115 -13.61 -6.30 9.26
C PHE B 115 -15.07 -6.66 9.36
N THR B 116 -15.60 -6.65 10.59
CA THR B 116 -17.03 -6.72 10.83
C THR B 116 -17.74 -5.57 10.10
N VAL B 117 -17.15 -4.38 10.14
CA VAL B 117 -17.73 -3.21 9.46
C VAL B 117 -17.63 -3.37 7.94
N PHE B 118 -16.51 -3.90 7.46
CA PHE B 118 -16.26 -4.01 6.03
C PHE B 118 -17.21 -5.00 5.33
N THR B 119 -17.35 -6.20 5.91
CA THR B 119 -18.30 -7.18 5.40
C THR B 119 -19.71 -6.62 5.52
N GLY B 120 -19.95 -5.87 6.60
CA GLY B 120 -21.21 -5.18 6.80
C GLY B 120 -21.54 -4.26 5.64
N TYR B 121 -20.53 -3.50 5.19
CA TYR B 121 -20.68 -2.60 4.05
C TYR B 121 -20.93 -3.39 2.77
N LEU B 122 -20.15 -4.45 2.58
CA LEU B 122 -20.26 -5.29 1.39
C LEU B 122 -21.67 -5.83 1.20
N GLU B 123 -22.31 -6.24 2.30
CA GLU B 123 -23.66 -6.78 2.27
C GLU B 123 -24.72 -5.71 1.98
N SER B 124 -24.46 -4.48 2.43
CA SER B 124 -25.34 -3.35 2.14
C SER B 124 -25.33 -2.98 0.66
N VAL B 125 -24.16 -3.12 0.04
CA VAL B 125 -23.97 -2.78 -1.37
C VAL B 125 -24.51 -3.88 -2.29
N GLY B 126 -24.11 -5.13 -2.03
CA GLY B 126 -24.50 -6.23 -2.90
C GLY B 126 -24.27 -7.64 -2.37
N SER B 127 -23.81 -8.51 -3.28
CA SER B 127 -23.69 -9.94 -3.01
C SER B 127 -22.46 -10.28 -2.19
N LEU B 128 -22.70 -10.94 -1.05
CA LEU B 128 -21.63 -11.43 -0.20
C LEU B 128 -22.06 -12.72 0.49
N ASN B 129 -21.48 -13.84 0.09
CA ASN B 129 -21.84 -15.13 0.62
C ASN B 129 -21.04 -15.52 1.87
N ASP B 130 -21.52 -16.54 2.57
CA ASP B 130 -20.89 -17.02 3.81
C ASP B 130 -19.41 -17.36 3.61
N GLN B 131 -19.08 -17.94 2.46
CA GLN B 131 -17.71 -18.26 2.11
C GLN B 131 -16.86 -17.01 1.94
N GLN B 132 -17.43 -16.00 1.27
CA GLN B 132 -16.76 -14.70 1.11
C GLN B 132 -16.60 -14.00 2.45
N LYS B 133 -17.63 -14.11 3.30
CA LYS B 133 -17.63 -13.47 4.61
C LYS B 133 -16.65 -14.13 5.59
N ALA B 134 -16.59 -15.45 5.58
CA ALA B 134 -15.70 -16.20 6.46
C ALA B 134 -14.26 -16.06 6.00
N ALA B 135 -14.09 -15.76 4.71
CA ALA B 135 -12.76 -15.58 4.12
C ALA B 135 -12.13 -14.28 4.61
N TRP B 136 -12.92 -13.21 4.55
CA TRP B 136 -12.56 -11.91 5.16
C TRP B 136 -12.28 -12.06 6.66
N MET B 137 -13.09 -12.87 7.33
CA MET B 137 -12.97 -13.08 8.77
C MET B 137 -11.70 -13.88 9.13
N ALA B 138 -11.28 -14.75 8.22
CA ALA B 138 -10.02 -15.48 8.37
C ALA B 138 -8.85 -14.53 8.09
N LEU B 139 -9.02 -13.67 7.09
CA LEU B 139 -8.05 -12.64 6.73
C LEU B 139 -7.86 -11.64 7.88
N GLY B 140 -8.97 -11.25 8.50
CA GLY B 140 -8.93 -10.29 9.61
C GLY B 140 -8.22 -10.85 10.83
N LYS B 141 -8.45 -12.13 11.09
CA LYS B 141 -7.85 -12.83 12.22
C LYS B 141 -6.34 -12.88 12.08
N GLU B 142 -5.85 -12.71 10.85
CA GLU B 142 -4.41 -12.64 10.62
C GLU B 142 -3.91 -11.20 10.72
N PHE B 143 -4.66 -10.28 10.11
CA PHE B 143 -4.39 -8.86 10.22
C PHE B 143 -4.25 -8.48 11.70
N ASN B 144 -5.30 -8.77 12.47
CA ASN B 144 -5.31 -8.48 13.90
C ASN B 144 -4.19 -9.16 14.66
N ALA B 145 -3.90 -10.40 14.29
CA ALA B 145 -2.82 -11.15 14.94
C ALA B 145 -1.51 -10.36 14.90
N GLU B 146 -1.13 -9.88 13.72
CA GLU B 146 0.09 -9.11 13.53
C GLU B 146 -0.03 -7.68 14.07
N SER B 147 -1.26 -7.16 14.14
CA SER B 147 -1.52 -5.88 14.78
C SER B 147 -1.00 -5.90 16.21
N GLN B 148 -1.60 -6.77 17.03
CA GLN B 148 -1.26 -6.86 18.44
C GLN B 148 0.20 -7.21 18.66
N THR B 149 0.73 -8.12 17.84
CA THR B 149 2.14 -8.49 17.90
C THR B 149 3.05 -7.28 17.67
N HIS B 150 2.74 -6.49 16.65
CA HIS B 150 3.55 -5.32 16.30
C HIS B 150 3.51 -4.24 17.39
N LEU B 151 2.31 -4.00 17.91
CA LEU B 151 2.11 -3.01 18.95
C LEU B 151 2.82 -3.40 20.24
N LYS B 152 2.83 -4.70 20.51
CA LYS B 152 3.54 -5.27 21.66
C LYS B 152 4.99 -4.79 21.63
N ASN B 153 5.76 -5.32 20.68
CA ASN B 153 7.17 -4.95 20.53
C ASN B 153 7.39 -3.53 19.97
N SER B 154 6.38 -2.69 20.05
CA SER B 154 6.53 -1.26 19.75
C SER B 154 6.29 -0.38 20.98
N ASN B 155 6.01 -1.02 22.12
CA ASN B 155 5.80 -0.31 23.39
C ASN B 155 4.49 0.46 23.48
N LEU B 156 3.53 0.12 22.63
CA LEU B 156 2.20 0.74 22.60
C LEU B 156 1.12 -0.24 23.10
N PRO B 157 -0.02 0.29 23.61
CA PRO B 157 -1.09 -0.56 24.10
C PRO B 157 -1.57 -1.62 23.10
N HIS B 158 -1.99 -2.77 23.61
CA HIS B 158 -2.44 -3.90 22.79
C HIS B 158 -3.38 -4.81 23.58
N VAL B 159 -4.25 -5.54 22.87
CA VAL B 159 -5.21 -6.45 23.50
C VAL B 159 -4.60 -7.85 23.70
CHA HEM C . 8.91 8.75 0.68
CHB HEM C . 11.69 10.57 -2.85
CHC HEM C . 10.35 7.01 -5.84
CHD HEM C . 7.61 5.09 -2.32
C1A HEM C . 9.81 9.55 0.01
C2A HEM C . 10.54 10.68 0.56
C3A HEM C . 11.31 11.17 -0.42
C4A HEM C . 11.09 10.38 -1.63
CMA HEM C . 12.27 12.38 -0.33
CAA HEM C . 10.45 11.21 2.02
CBA HEM C . 11.71 10.80 2.81
CGA HEM C . 11.87 11.61 4.07
O1A HEM C . 11.89 12.87 4.01
O2A HEM C . 11.99 10.98 5.16
C1B HEM C . 11.57 9.77 -3.96
C2B HEM C . 12.23 9.98 -5.24
C3B HEM C . 11.85 8.99 -6.06
C4B HEM C . 10.95 8.14 -5.34
CMB HEM C . 13.20 11.13 -5.60
CAB HEM C . 12.29 8.80 -7.54
CBB HEM C . 13.11 7.81 -7.90
C1C HEM C . 9.45 6.21 -5.17
C2C HEM C . 8.69 5.12 -5.74
C3C HEM C . 7.93 4.60 -4.77
C4C HEM C . 8.19 5.33 -3.55
CMC HEM C . 8.75 4.67 -7.22
CAC HEM C . 6.95 3.41 -4.91
CBC HEM C . 7.43 2.17 -5.07
C1D HEM C . 7.72 5.87 -1.18
C2D HEM C . 7.09 5.56 0.08
C3D HEM C . 7.49 6.72 1.03
C4D HEM C . 8.33 7.58 0.22
CMD HEM C . 6.21 4.33 0.38
CAD HEM C . 7.14 6.94 2.51
CBD HEM C . 5.70 6.60 2.90
CGD HEM C . 4.65 7.26 2.03
O1D HEM C . 4.77 8.47 1.73
O2D HEM C . 3.68 6.56 1.65
NA HEM C . 10.17 9.40 -1.31
NB HEM C . 10.79 8.64 -4.06
NC HEM C . 9.13 6.31 -3.83
ND HEM C . 8.43 7.06 -1.06
FE HEM C . 9.53 7.84 -2.59
O1 OXY D . 11.97 6.35 -2.76
O2 OXY D . 11.43 6.73 -1.74
S SO4 E . 3.01 0.83 1.71
O1 SO4 E . 2.64 1.43 0.44
O2 SO4 E . 4.30 1.35 2.14
O3 SO4 E . 1.99 1.15 2.70
O4 SO4 E . 3.12 -0.62 1.57
C1 GOL F . 16.71 12.00 11.22
O1 GOL F . 15.59 12.84 11.24
C2 GOL F . 16.86 11.20 12.51
O2 GOL F . 15.59 11.07 13.14
C3 GOL F . 17.42 9.80 12.23
O3 GOL F . 18.77 9.87 11.83
C1 GOL G . -7.46 -9.13 -16.47
O1 GOL G . -8.22 -8.85 -17.98
C2 GOL G . -6.19 -9.83 -17.03
O2 GOL G . -5.20 -8.86 -17.40
C3 GOL G . -5.60 -10.76 -15.93
O3 GOL G . -4.83 -11.87 -16.69
CHA HEM H . -7.05 6.71 7.62
CHB HEM H . -9.49 5.38 11.58
CHC HEM H . -9.03 0.68 10.48
CHD HEM H . -6.39 1.96 6.61
C1A HEM H . -7.71 6.77 8.81
C2A HEM H . -7.99 7.96 9.61
C3A HEM H . -8.66 7.58 10.71
C4A HEM H . -8.85 6.15 10.65
CMA HEM H . -9.16 8.51 11.84
CAA HEM H . -7.57 9.42 9.27
CBA HEM H . -8.19 9.89 7.97
CGA HEM H . -8.77 11.28 8.10
O1A HEM H . -8.70 11.89 9.21
O2A HEM H . -9.34 11.75 7.08
C1B HEM H . -9.66 4.01 11.58
C2B HEM H . -10.54 3.27 12.46
C3B HEM H . -10.43 1.97 12.16
C4B HEM H . -9.46 1.85 11.08
CMB HEM H . -11.45 3.89 13.54
CAB HEM H . -11.18 0.81 12.85
CBB HEM H . -12.53 0.85 12.95
C1C HEM H . -8.24 0.61 9.35
C2C HEM H . -7.72 -0.60 8.73
C3C HEM H . -7.00 -0.24 7.67
C4C HEM H . -7.02 1.20 7.57
CMC HEM H . -7.96 -2.05 9.19
CAC HEM H . -6.28 -1.22 6.70
CBC HEM H . -6.84 -1.52 5.53
C1D HEM H . -6.33 3.33 6.50
C2D HEM H . -5.63 4.05 5.44
C3D HEM H . -5.83 5.53 5.74
C4D HEM H . -6.62 5.57 6.96
CMD HEM H . -4.86 3.42 4.25
CAD HEM H . -5.29 6.73 4.91
CBD HEM H . -4.24 7.54 5.65
CGD HEM H . -2.96 6.78 5.87
O1D HEM H . -2.26 7.08 6.88
O2D HEM H . -2.61 5.88 5.06
NA HEM H . -8.26 5.69 9.48
NB HEM H . -9.01 3.11 10.75
NC HEM H . -7.78 1.68 8.61
ND HEM H . -6.88 4.27 7.37
FE HEM H . -7.87 3.70 9.10
O1 OXY I . -10.63 3.22 8.44
O2 OXY I . -9.78 3.91 7.93
S SO4 J . -14.98 19.03 2.20
O1 SO4 J . -14.44 20.39 2.25
O2 SO4 J . -13.94 18.12 1.71
O3 SO4 J . -15.39 18.62 3.55
O4 SO4 J . -16.12 18.99 1.29
C1 GOL K . -1.18 -22.24 0.57
O1 GOL K . -2.00 -21.35 -0.17
C2 GOL K . -1.22 -21.88 2.05
O2 GOL K . -2.53 -22.05 2.55
C3 GOL K . -0.25 -22.78 2.82
O3 GOL K . -0.50 -22.67 4.20
C1 GOL L . 1.14 10.93 21.37
O1 GOL L . 0.82 12.25 20.96
C2 GOL L . 1.59 10.91 22.82
O2 GOL L . 0.63 11.55 23.65
C3 GOL L . 1.77 9.47 23.28
O3 GOL L . 3.11 9.27 23.66
S SO4 M . -10.94 25.11 -0.81
O1 SO4 M . -10.63 26.53 -0.62
O2 SO4 M . -10.98 24.83 -2.32
O3 SO4 M . -9.84 24.21 -0.16
O4 SO4 M . -12.28 24.83 -0.15
C1 GOL N . -27.25 -27.67 4.05
O1 GOL N . -26.52 -26.77 3.15
C2 GOL N . -26.47 -27.68 5.38
O2 GOL N . -27.32 -27.29 6.44
C3 GOL N . -25.91 -29.10 5.63
O3 GOL N . -24.46 -29.01 5.54
C1 GOL O . 12.55 5.49 18.44
O1 GOL O . 13.43 6.50 18.02
C2 GOL O . 11.96 5.84 19.80
O2 GOL O . 11.48 7.18 19.80
C3 GOL O . 10.82 4.87 20.15
O3 GOL O . 9.57 5.44 19.85
#